data_5KB5
#
_entry.id   5KB5
#
_cell.length_a   49.264
_cell.length_b   73.559
_cell.length_c   84.330
_cell.angle_alpha   90.000
_cell.angle_beta   90.000
_cell.angle_gamma   90.000
#
_symmetry.space_group_name_H-M   'P 21 21 21'
#
loop_
_entity.id
_entity.type
_entity.pdbx_description
1 polymer 'Adenosine kinase'
2 non-polymer ADENOSINE
3 non-polymer "ADENOSINE-5'-DIPHOSPHATE"
4 non-polymer 'POTASSIUM ION'
5 non-polymer 'CHLORIDE ION'
6 non-polymer 'MAGNESIUM ION'
7 non-polymer 'TETRAETHYLENE GLYCOL'
8 non-polymer 'PHOSPHATE ION'
9 water water
#
_entity_poly.entity_id   1
_entity_poly.type   'polypeptide(L)'
_entity_poly.pdbx_seq_one_letter_code
;MGHHHHHHENLYFQGHMASGSLSENVLFGMGNPLLDISAVVDKDFLDKYSLKPNDQILAEDKHKELFDELVKKFKVEYHA
GGSTQNSMKVAQWLIQEPHKAATFFGCIGIDKFGEILKRKAADAHVDAHYYEQNEQPTGTCAACITGGNRSLVANLAAAN
CYKKEKHLDLERNWVLVEKARVYYIAGFFLTVSPESVLKVARYAAENNRVFTLNLSAPFISQFFKEALMDVMPYVDILFG
NETEAATFAREQGFETKDIKEIAKKAQALPKVNSKRQRTVIFTQGRDDTIVAAENDVTAFPVLDQNQEEIIDTNGAGDAF
VGGFLSQLVSDKPLTECIRAGHYAASVIIRRTGCTFPEKPDFH
;
_entity_poly.pdbx_strand_id   A
#
loop_
_chem_comp.id
_chem_comp.type
_chem_comp.name
_chem_comp.formula
ADN non-polymer ADENOSINE 'C10 H13 N5 O4'
ADP non-polymer ADENOSINE-5'-DIPHOSPHATE 'C10 H15 N5 O10 P2'
CL non-polymer 'CHLORIDE ION' 'Cl -1'
K non-polymer 'POTASSIUM ION' 'K 1'
MG non-polymer 'MAGNESIUM ION' 'Mg 2'
PG4 non-polymer 'TETRAETHYLENE GLYCOL' 'C8 H18 O5'
PO4 non-polymer 'PHOSPHATE ION' 'O4 P -3'
#
# COMPACT_ATOMS: atom_id res chain seq x y z
N LEU A 22 -17.78 15.24 -1.13
CA LEU A 22 -16.66 14.95 -0.20
C LEU A 22 -15.88 16.22 0.14
N SER A 23 -15.19 16.20 1.25
CA SER A 23 -14.36 17.31 1.65
C SER A 23 -12.90 17.04 1.34
N GLU A 24 -12.13 18.11 1.30
CA GLU A 24 -10.70 17.93 1.23
C GLU A 24 -10.18 17.18 2.46
N ASN A 25 -9.10 16.41 2.24
CA ASN A 25 -8.45 15.66 3.31
C ASN A 25 -9.35 14.65 4.02
N VAL A 26 -10.35 14.14 3.29
CA VAL A 26 -11.26 13.15 3.87
C VAL A 26 -10.60 11.76 4.00
N LEU A 27 -9.52 11.51 3.24
CA LEU A 27 -8.81 10.26 3.29
C LEU A 27 -7.37 10.58 3.68
N PHE A 28 -6.81 9.85 4.64
CA PHE A 28 -5.42 10.10 5.06
C PHE A 28 -4.55 8.84 4.95
N GLY A 29 -3.36 9.01 4.38
CA GLY A 29 -2.33 8.01 4.43
C GLY A 29 -1.00 8.55 4.76
N MET A 30 -0.14 7.69 5.23
CA MET A 30 1.27 8.07 5.43
C MET A 30 2.09 6.79 5.15
N GLY A 31 3.33 6.97 4.73
CA GLY A 31 4.12 5.81 4.37
C GLY A 31 5.42 6.25 3.79
N ASN A 32 5.98 5.31 3.01
CA ASN A 32 7.30 5.40 2.40
C ASN A 32 7.22 5.87 0.97
N PRO A 33 7.54 7.14 0.72
CA PRO A 33 7.49 7.64 -0.66
C PRO A 33 8.76 7.18 -1.43
N LEU A 34 8.57 6.38 -2.46
CA LEU A 34 9.71 5.76 -3.17
C LEU A 34 9.55 6.08 -4.65
N LEU A 35 10.68 6.24 -5.34
CA LEU A 35 10.68 6.29 -6.77
C LEU A 35 10.96 4.85 -7.27
N ASP A 36 10.06 4.34 -8.06
CA ASP A 36 10.22 2.97 -8.61
C ASP A 36 11.12 3.06 -9.85
N ILE A 37 12.07 2.14 -9.90
CA ILE A 37 12.97 2.01 -11.04
C ILE A 37 12.57 0.66 -11.62
N SER A 38 11.80 0.71 -12.73
CA SER A 38 11.10 -0.44 -13.24
C SER A 38 11.67 -0.93 -14.58
N ALA A 39 11.83 -2.24 -14.70
CA ALA A 39 12.23 -2.87 -15.98
C ALA A 39 11.93 -4.33 -16.05
N VAL A 40 11.69 -4.80 -17.27
CA VAL A 40 11.56 -6.21 -17.59
C VAL A 40 12.95 -6.78 -17.52
N VAL A 41 13.08 -7.79 -16.68
CA VAL A 41 14.36 -8.46 -16.53
C VAL A 41 14.18 -9.92 -16.98
N ASP A 42 15.20 -10.77 -16.76
CA ASP A 42 15.12 -12.24 -16.99
C ASP A 42 15.35 -13.03 -15.69
N LYS A 43 15.10 -14.34 -15.75
CA LYS A 43 15.27 -15.21 -14.60
C LYS A 43 16.72 -15.19 -14.13
N ASP A 44 17.64 -15.07 -15.08
CA ASP A 44 19.06 -15.02 -14.74
C ASP A 44 19.39 -13.89 -13.80
N PHE A 45 18.83 -12.72 -14.15
CA PHE A 45 19.03 -11.54 -13.38
C PHE A 45 18.51 -11.77 -11.97
N LEU A 46 17.31 -12.34 -11.85
CA LEU A 46 16.72 -12.62 -10.52
C LEU A 46 17.61 -13.60 -9.74
N ASP A 47 18.00 -14.64 -10.42
CA ASP A 47 18.82 -15.70 -9.81
C ASP A 47 20.18 -15.25 -9.27
N LYS A 48 20.92 -14.48 -10.05
CA LYS A 48 22.17 -13.93 -9.51
C LYS A 48 22.03 -13.03 -8.31
N TYR A 49 20.88 -12.37 -8.14
CA TYR A 49 20.65 -11.61 -6.92
C TYR A 49 19.87 -12.36 -5.81
N SER A 50 19.73 -13.69 -5.94
CA SER A 50 18.96 -14.53 -5.03
C SER A 50 17.56 -13.96 -4.72
N LEU A 51 16.85 -13.61 -5.79
CA LEU A 51 15.53 -12.94 -5.76
C LEU A 51 14.45 -13.88 -6.26
N LYS A 52 13.31 -13.94 -5.55
CA LYS A 52 12.19 -14.72 -6.00
C LYS A 52 11.44 -13.96 -7.09
N PRO A 53 10.75 -14.66 -7.98
CA PRO A 53 10.13 -13.86 -9.07
C PRO A 53 9.00 -12.93 -8.59
N ASN A 54 8.26 -13.39 -7.60
CA ASN A 54 7.18 -12.56 -7.01
C ASN A 54 7.47 -12.41 -5.51
N ASP A 55 8.02 -11.27 -5.13
CA ASP A 55 8.45 -11.02 -3.73
C ASP A 55 8.66 -9.53 -3.53
N GLN A 56 8.75 -9.15 -2.26
CA GLN A 56 9.07 -7.79 -1.86
C GLN A 56 10.05 -7.87 -0.72
N ILE A 57 11.22 -7.27 -0.87
CA ILE A 57 12.22 -7.32 0.17
C ILE A 57 12.80 -5.95 0.39
N LEU A 58 13.54 -5.80 1.47
CA LEU A 58 14.34 -4.62 1.74
C LEU A 58 15.73 -4.87 1.23
N ALA A 59 16.29 -3.85 0.60
CA ALA A 59 17.67 -3.92 0.06
C ALA A 59 18.74 -4.22 1.10
N GLU A 60 19.69 -5.04 0.71
CA GLU A 60 20.83 -5.42 1.53
C GLU A 60 22.06 -4.95 0.74
N ASP A 61 23.21 -4.98 1.36
CA ASP A 61 24.47 -4.60 0.68
C ASP A 61 24.67 -5.30 -0.67
N LYS A 62 24.45 -6.60 -0.72
CA LYS A 62 24.57 -7.31 -2.01
C LYS A 62 23.67 -6.75 -3.10
N HIS A 63 22.66 -5.96 -2.75
CA HIS A 63 21.85 -5.34 -3.74
C HIS A 63 22.30 -4.02 -4.34
N LYS A 64 23.38 -3.39 -3.90
CA LYS A 64 23.84 -2.15 -4.58
C LYS A 64 24.16 -2.37 -6.08
N GLU A 65 24.82 -3.47 -6.43
CA GLU A 65 25.07 -3.76 -7.85
C GLU A 65 23.80 -4.02 -8.69
N LEU A 66 22.73 -4.54 -8.07
CA LEU A 66 21.48 -4.78 -8.76
C LEU A 66 20.89 -3.49 -9.39
N PHE A 67 20.82 -2.40 -8.64
CA PHE A 67 20.33 -1.14 -9.15
C PHE A 67 21.18 -0.59 -10.32
N ASP A 68 22.50 -0.68 -10.18
CA ASP A 68 23.39 -0.21 -11.24
C ASP A 68 23.24 -1.01 -12.53
N GLU A 69 23.15 -2.33 -12.39
CA GLU A 69 22.99 -3.22 -13.50
C GLU A 69 21.64 -3.00 -14.17
N LEU A 70 20.58 -2.80 -13.38
CA LEU A 70 19.30 -2.45 -13.95
C LEU A 70 19.37 -1.26 -14.94
N VAL A 71 19.95 -0.16 -14.49
CA VAL A 71 19.95 1.02 -15.29
C VAL A 71 20.93 0.89 -16.44
N LYS A 72 22.01 0.14 -16.30
CA LYS A 72 22.94 0.04 -17.43
C LYS A 72 22.50 -0.93 -18.53
N LYS A 73 21.76 -1.97 -18.21
CA LYS A 73 21.45 -2.96 -19.24
C LYS A 73 19.98 -3.25 -19.50
N PHE A 74 19.08 -2.70 -18.67
CA PHE A 74 17.65 -2.96 -18.87
C PHE A 74 16.93 -1.63 -19.21
N LYS A 75 15.71 -1.71 -19.74
CA LYS A 75 14.97 -0.53 -20.24
C LYS A 75 14.18 0.05 -19.08
N VAL A 76 14.82 0.88 -18.31
CA VAL A 76 14.25 1.35 -17.05
C VAL A 76 13.30 2.48 -17.30
N GLU A 77 12.20 2.51 -16.54
CA GLU A 77 11.32 3.65 -16.48
C GLU A 77 11.24 4.06 -15.00
N TYR A 78 11.18 5.35 -14.78
CA TYR A 78 11.08 5.90 -13.47
C TYR A 78 9.64 6.37 -13.21
N HIS A 79 8.99 5.84 -12.19
CA HIS A 79 7.61 6.22 -11.86
C HIS A 79 7.51 6.37 -10.35
N ALA A 80 6.67 7.26 -9.88
CA ALA A 80 6.42 7.36 -8.44
C ALA A 80 5.83 6.03 -7.96
N GLY A 81 6.29 5.61 -6.80
CA GLY A 81 5.83 4.44 -6.08
C GLY A 81 5.73 4.68 -4.61
N GLY A 82 5.99 3.64 -3.84
CA GLY A 82 5.60 3.58 -2.42
C GLY A 82 4.15 3.08 -2.30
N SER A 83 3.94 2.04 -1.48
CA SER A 83 2.68 1.38 -1.42
C SER A 83 1.48 2.30 -0.98
N THR A 84 1.58 2.93 0.15
CA THR A 84 0.52 3.84 0.62
C THR A 84 0.37 5.04 -0.33
N GLN A 85 1.47 5.64 -0.77
CA GLN A 85 1.40 6.75 -1.76
C GLN A 85 0.61 6.35 -3.02
N ASN A 86 0.89 5.18 -3.53
CA ASN A 86 0.19 4.67 -4.70
C ASN A 86 -1.30 4.59 -4.43
N SER A 87 -1.67 4.08 -3.26
CA SER A 87 -3.13 3.90 -2.99
C SER A 87 -3.79 5.23 -2.79
N MET A 88 -3.07 6.20 -2.19
CA MET A 88 -3.66 7.59 -2.04
C MET A 88 -3.91 8.17 -3.43
N LYS A 89 -2.95 8.01 -4.35
CA LYS A 89 -3.13 8.53 -5.71
C LYS A 89 -4.24 7.88 -6.50
N VAL A 90 -4.34 6.55 -6.40
CA VAL A 90 -5.40 5.78 -7.05
C VAL A 90 -6.74 6.21 -6.48
N ALA A 91 -6.81 6.32 -5.15
CA ALA A 91 -8.04 6.82 -4.53
C ALA A 91 -8.46 8.17 -5.06
N GLN A 92 -7.53 9.12 -5.06
CA GLN A 92 -7.81 10.46 -5.58
C GLN A 92 -8.28 10.43 -7.01
N TRP A 93 -7.63 9.57 -7.79
CA TRP A 93 -7.96 9.42 -9.20
C TRP A 93 -9.42 9.05 -9.45
N LEU A 94 -9.93 8.14 -8.65
CA LEU A 94 -11.29 7.69 -8.76
C LEU A 94 -12.24 8.68 -8.15
N ILE A 95 -11.83 9.35 -7.10
CA ILE A 95 -12.66 10.43 -6.52
C ILE A 95 -12.84 11.57 -7.52
N GLN A 96 -11.73 11.93 -8.16
CA GLN A 96 -11.61 13.02 -9.09
C GLN A 96 -11.77 14.41 -8.44
N GLU A 97 -12.94 14.75 -7.88
CA GLU A 97 -13.16 16.04 -7.26
C GLU A 97 -13.72 15.83 -5.88
N PRO A 98 -13.32 16.60 -4.88
CA PRO A 98 -12.39 17.69 -5.04
C PRO A 98 -10.99 17.17 -5.12
N HIS A 99 -10.13 18.01 -5.70
CA HIS A 99 -8.68 17.86 -5.57
C HIS A 99 -8.34 17.82 -4.09
N LYS A 100 -7.31 17.08 -3.71
CA LYS A 100 -6.83 17.06 -2.31
C LYS A 100 -7.78 16.39 -1.36
N ALA A 101 -8.62 15.50 -1.88
CA ALA A 101 -9.45 14.63 -1.03
C ALA A 101 -8.56 13.70 -0.20
N ALA A 102 -7.49 13.25 -0.83
CA ALA A 102 -6.49 12.33 -0.23
C ALA A 102 -5.22 13.05 0.23
N THR A 103 -4.87 12.86 1.50
CA THR A 103 -3.67 13.38 2.14
C THR A 103 -2.61 12.29 2.18
N PHE A 104 -1.34 12.66 1.98
CA PHE A 104 -0.25 11.75 2.17
C PHE A 104 0.94 12.41 2.88
N PHE A 105 1.46 11.76 3.94
CA PHE A 105 2.68 12.19 4.61
C PHE A 105 3.77 11.14 4.40
N GLY A 106 5.02 11.58 4.31
CA GLY A 106 6.15 10.69 4.30
C GLY A 106 7.43 11.51 4.10
N CYS A 107 8.57 10.86 4.11
CA CYS A 107 9.86 11.53 4.10
C CYS A 107 10.59 11.28 2.76
N ILE A 108 11.18 12.34 2.24
CA ILE A 108 12.02 12.37 1.01
C ILE A 108 13.30 13.16 1.28
N GLY A 109 14.22 13.02 0.37
CA GLY A 109 15.46 13.77 0.40
C GLY A 109 15.26 14.98 -0.50
N ILE A 110 16.26 15.84 -0.46
CA ILE A 110 16.29 17.07 -1.26
C ILE A 110 17.14 16.80 -2.45
N ASP A 111 16.52 16.27 -3.48
CA ASP A 111 17.25 15.76 -4.64
C ASP A 111 16.30 15.61 -5.81
N LYS A 112 16.89 15.25 -6.95
CA LYS A 112 16.08 15.10 -8.14
C LYS A 112 14.93 14.13 -7.96
N PHE A 113 15.18 12.99 -7.34
CA PHE A 113 14.11 11.98 -7.18
C PHE A 113 12.99 12.48 -6.25
N GLY A 114 13.38 13.23 -5.21
CA GLY A 114 12.45 13.94 -4.38
C GLY A 114 11.53 14.90 -5.15
N GLU A 115 12.13 15.67 -6.03
CA GLU A 115 11.41 16.63 -6.87
C GLU A 115 10.44 15.96 -7.80
N ILE A 116 10.85 14.82 -8.33
CA ILE A 116 9.96 13.99 -9.12
C ILE A 116 8.77 13.54 -8.33
N LEU A 117 8.99 13.04 -7.09
CA LEU A 117 7.89 12.55 -6.29
C LEU A 117 6.92 13.70 -5.98
N LYS A 118 7.46 14.88 -5.65
CA LYS A 118 6.59 16.07 -5.41
C LYS A 118 5.75 16.43 -6.61
N ARG A 119 6.39 16.47 -7.78
CA ARG A 119 5.67 16.77 -8.99
C ARG A 119 4.54 15.74 -9.28
N LYS A 120 4.82 14.46 -9.12
CA LYS A 120 3.81 13.44 -9.47
C LYS A 120 2.64 13.44 -8.44
N ALA A 121 2.97 13.73 -7.19
CA ALA A 121 1.90 13.93 -6.20
C ALA A 121 0.99 15.10 -6.54
N ALA A 122 1.60 16.20 -6.99
CA ALA A 122 0.83 17.36 -7.40
C ALA A 122 -0.02 17.00 -8.62
N ASP A 123 0.59 16.26 -9.57
CA ASP A 123 -0.10 15.85 -10.82
C ASP A 123 -1.27 14.98 -10.51
N ALA A 124 -1.14 14.20 -9.42
CA ALA A 124 -2.19 13.29 -9.01
C ALA A 124 -3.24 13.98 -8.09
N HIS A 125 -3.07 15.27 -7.79
CA HIS A 125 -3.97 16.06 -6.95
C HIS A 125 -4.17 15.49 -5.54
N VAL A 126 -3.16 14.82 -5.06
CA VAL A 126 -3.08 14.43 -3.63
C VAL A 126 -2.54 15.63 -2.84
N ASP A 127 -2.99 15.77 -1.59
CA ASP A 127 -2.44 16.72 -0.65
C ASP A 127 -1.25 16.11 0.05
N ALA A 128 -0.09 16.19 -0.58
CA ALA A 128 1.09 15.54 -0.07
C ALA A 128 1.85 16.55 0.74
N HIS A 129 2.23 16.17 1.96
CA HIS A 129 3.06 16.93 2.85
C HIS A 129 4.23 16.08 3.24
N TYR A 130 5.40 16.41 2.67
CA TYR A 130 6.60 15.65 2.93
C TYR A 130 7.46 16.31 4.01
N TYR A 131 8.03 15.46 4.83
CA TYR A 131 9.13 15.78 5.68
C TYR A 131 10.37 15.67 4.77
N GLU A 132 11.05 16.80 4.54
CA GLU A 132 12.23 16.84 3.69
C GLU A 132 13.49 17.03 4.52
N GLN A 133 14.47 16.20 4.24
CA GLN A 133 15.71 16.34 4.94
C GLN A 133 16.87 16.23 3.93
N ASN A 134 18.03 16.70 4.33
CA ASN A 134 19.13 16.91 3.36
C ASN A 134 20.30 15.96 3.52
N GLU A 135 20.14 14.91 4.30
CA GLU A 135 21.25 13.99 4.55
C GLU A 135 21.10 12.72 3.68
N GLN A 136 19.93 12.08 3.72
CA GLN A 136 19.69 10.85 2.95
C GLN A 136 19.00 11.15 1.64
N PRO A 137 19.37 10.43 0.55
CA PRO A 137 18.61 10.53 -0.69
C PRO A 137 17.19 9.98 -0.57
N THR A 138 16.35 10.40 -1.50
CA THR A 138 15.01 9.88 -1.63
C THR A 138 15.07 8.40 -1.92
N GLY A 139 14.17 7.68 -1.30
CA GLY A 139 14.03 6.23 -1.38
C GLY A 139 13.70 5.77 -2.78
N THR A 140 14.11 4.55 -3.09
CA THR A 140 13.85 3.99 -4.43
C THR A 140 13.49 2.55 -4.29
N CYS A 141 12.85 2.01 -5.29
CA CYS A 141 12.51 0.59 -5.29
C CYS A 141 12.80 0.02 -6.66
N ALA A 142 13.60 -1.00 -6.71
CA ALA A 142 13.83 -1.73 -8.00
C ALA A 142 12.58 -2.63 -8.18
N ALA A 143 11.90 -2.46 -9.31
CA ALA A 143 10.73 -3.18 -9.66
C ALA A 143 11.13 -4.07 -10.86
N CYS A 144 11.43 -5.35 -10.60
CA CYS A 144 12.03 -6.26 -11.57
C CYS A 144 10.90 -7.15 -12.08
N ILE A 145 10.50 -6.94 -13.32
CA ILE A 145 9.34 -7.54 -13.91
C ILE A 145 9.75 -8.74 -14.79
N THR A 146 9.07 -9.87 -14.58
CA THR A 146 9.13 -11.03 -15.45
C THR A 146 7.76 -11.65 -15.56
N GLY A 147 7.24 -11.74 -16.79
CA GLY A 147 5.85 -12.11 -17.10
C GLY A 147 4.86 -11.48 -16.14
N GLY A 148 4.04 -12.31 -15.52
CA GLY A 148 3.02 -11.83 -14.57
C GLY A 148 3.55 -11.55 -13.18
N ASN A 149 4.88 -11.48 -13.00
CA ASN A 149 5.52 -11.44 -11.69
C ASN A 149 6.22 -10.08 -11.50
N ARG A 150 6.40 -9.70 -10.23
CA ARG A 150 7.13 -8.49 -9.90
C ARG A 150 7.95 -8.74 -8.67
N SER A 151 9.27 -8.57 -8.80
CA SER A 151 10.19 -8.72 -7.69
C SER A 151 10.70 -7.34 -7.23
N LEU A 152 10.38 -6.97 -5.99
CA LEU A 152 10.62 -5.63 -5.54
C LEU A 152 11.72 -5.63 -4.49
N VAL A 153 12.65 -4.70 -4.68
CA VAL A 153 13.77 -4.50 -3.76
C VAL A 153 13.78 -3.03 -3.37
N ALA A 154 13.35 -2.77 -2.15
CA ALA A 154 13.16 -1.38 -1.65
C ALA A 154 14.39 -0.88 -0.93
N ASN A 155 14.97 0.21 -1.41
CA ASN A 155 16.05 0.94 -0.74
C ASN A 155 15.41 2.20 -0.07
N LEU A 156 14.98 2.06 1.18
CA LEU A 156 14.10 3.11 1.76
C LEU A 156 14.77 4.45 1.92
N ALA A 157 16.04 4.42 2.32
CA ALA A 157 16.82 5.64 2.45
C ALA A 157 16.02 6.71 3.20
N ALA A 158 15.77 7.88 2.60
CA ALA A 158 15.07 8.97 3.29
C ALA A 158 13.73 8.52 3.84
N ALA A 159 13.02 7.62 3.15
CA ALA A 159 11.72 7.16 3.67
C ALA A 159 11.82 6.62 5.12
N ASN A 160 12.94 6.01 5.47
CA ASN A 160 13.17 5.47 6.82
C ASN A 160 13.48 6.54 7.89
N CYS A 161 13.63 7.81 7.49
CA CYS A 161 14.01 8.92 8.40
C CYS A 161 12.80 9.77 8.83
N TYR A 162 11.59 9.28 8.53
CA TYR A 162 10.35 9.97 8.94
C TYR A 162 10.36 10.13 10.46
N LYS A 163 10.20 11.38 10.92
CA LYS A 163 10.20 11.73 12.35
C LYS A 163 8.85 12.23 12.81
N LYS A 164 8.12 11.34 13.49
CA LYS A 164 6.83 11.62 14.09
C LYS A 164 6.82 12.97 14.82
N GLU A 165 7.82 13.18 15.69
CA GLU A 165 7.83 14.34 16.55
C GLU A 165 8.14 15.65 15.80
N LYS A 166 8.62 15.52 14.57
CA LYS A 166 8.97 16.64 13.74
C LYS A 166 8.08 16.86 12.54
N HIS A 167 7.02 16.04 12.41
CA HIS A 167 6.15 16.16 11.26
C HIS A 167 4.71 15.86 11.66
N LEU A 168 4.38 14.59 11.90
CA LEU A 168 2.97 14.21 12.26
C LEU A 168 2.48 15.00 13.46
N ASP A 169 3.33 15.18 14.43
CA ASP A 169 2.94 15.73 15.72
C ASP A 169 2.79 17.24 15.68
N LEU A 170 3.30 17.88 14.61
CA LEU A 170 3.11 19.33 14.53
C LEU A 170 1.61 19.66 14.30
N GLU A 171 1.09 20.68 14.97
CA GLU A 171 -0.35 21.00 14.82
C GLU A 171 -0.79 21.31 13.41
N ARG A 172 0.06 21.97 12.63
CA ARG A 172 -0.28 22.29 11.24
C ARG A 172 -0.41 21.05 10.37
N ASN A 173 0.23 19.95 10.78
CA ASN A 173 0.02 18.65 10.11
C ASN A 173 -1.07 17.79 10.75
N TRP A 174 -1.12 17.76 12.07
CA TRP A 174 -2.02 16.95 12.80
C TRP A 174 -3.47 17.35 12.46
N VAL A 175 -3.69 18.63 12.23
CA VAL A 175 -5.03 19.12 11.85
CA VAL A 175 -5.04 19.10 11.85
C VAL A 175 -5.56 18.37 10.62
N LEU A 176 -4.67 18.04 9.67
CA LEU A 176 -5.10 17.25 8.51
C LEU A 176 -5.54 15.81 8.81
N VAL A 177 -4.88 15.16 9.76
CA VAL A 177 -5.26 13.88 10.30
C VAL A 177 -6.69 14.02 10.86
N GLU A 178 -6.92 15.10 11.60
CA GLU A 178 -8.22 15.35 12.28
C GLU A 178 -9.33 15.52 11.29
N LYS A 179 -9.01 15.86 10.02
CA LYS A 179 -10.03 16.09 8.99
C LYS A 179 -10.51 14.81 8.32
N ALA A 180 -9.76 13.74 8.49
CA ALA A 180 -10.02 12.48 7.73
C ALA A 180 -11.15 11.64 8.35
N ARG A 181 -11.95 11.00 7.51
CA ARG A 181 -12.89 9.96 7.93
C ARG A 181 -12.33 8.57 7.85
N VAL A 182 -11.39 8.38 6.91
CA VAL A 182 -10.79 7.06 6.65
C VAL A 182 -9.28 7.24 6.61
N TYR A 183 -8.57 6.29 7.22
CA TYR A 183 -7.10 6.26 7.30
C TYR A 183 -6.62 4.95 6.67
N TYR A 184 -5.52 5.04 5.95
CA TYR A 184 -4.85 3.84 5.39
C TYR A 184 -3.38 4.00 5.53
N ILE A 185 -2.79 3.02 6.18
CA ILE A 185 -1.32 2.93 6.22
C ILE A 185 -0.91 1.49 5.85
N ALA A 186 0.01 1.38 4.90
CA ALA A 186 0.54 0.10 4.52
C ALA A 186 1.42 -0.37 5.68
N GLY A 187 1.35 -1.68 5.95
CA GLY A 187 2.17 -2.32 6.92
C GLY A 187 3.63 -2.11 6.70
N PHE A 188 4.06 -1.90 5.45
CA PHE A 188 5.43 -1.45 5.20
C PHE A 188 5.91 -0.35 6.14
N PHE A 189 5.04 0.59 6.49
CA PHE A 189 5.47 1.70 7.34
C PHE A 189 5.79 1.34 8.80
N LEU A 190 5.39 0.14 9.22
CA LEU A 190 5.76 -0.37 10.52
C LEU A 190 7.26 -0.59 10.66
N THR A 191 7.96 -0.67 9.55
CA THR A 191 9.42 -0.78 9.68
C THR A 191 10.08 0.58 9.98
N VAL A 192 9.34 1.66 9.79
CA VAL A 192 9.85 2.99 9.93
C VAL A 192 9.37 3.64 11.19
N SER A 193 8.05 3.73 11.36
CA SER A 193 7.48 4.48 12.49
C SER A 193 6.21 3.84 13.01
N PRO A 194 6.33 2.71 13.74
CA PRO A 194 5.17 2.11 14.46
C PRO A 194 4.52 3.13 15.38
N GLU A 195 5.28 4.07 15.94
CA GLU A 195 4.63 5.07 16.81
C GLU A 195 3.69 5.97 16.04
N SER A 196 4.06 6.33 14.83
CA SER A 196 3.15 7.13 13.99
C SER A 196 1.89 6.35 13.69
N VAL A 197 2.06 5.09 13.32
CA VAL A 197 0.94 4.23 12.99
C VAL A 197 -0.03 4.14 14.16
N LEU A 198 0.54 3.88 15.34
CA LEU A 198 -0.30 3.80 16.56
C LEU A 198 -0.99 5.08 16.95
N LYS A 199 -0.31 6.22 16.82
CA LYS A 199 -0.93 7.47 17.12
C LYS A 199 -2.18 7.71 16.22
N VAL A 200 -2.02 7.56 14.91
CA VAL A 200 -3.17 7.71 14.00
C VAL A 200 -4.28 6.67 14.30
N ALA A 201 -3.88 5.42 14.52
CA ALA A 201 -4.82 4.36 14.79
C ALA A 201 -5.64 4.60 16.05
N ARG A 202 -4.97 5.08 17.09
CA ARG A 202 -5.65 5.32 18.35
C ARG A 202 -6.60 6.46 18.18
N TYR A 203 -6.15 7.51 17.49
CA TYR A 203 -7.05 8.64 17.14
C TYR A 203 -8.31 8.18 16.42
N ALA A 204 -8.12 7.31 15.44
CA ALA A 204 -9.25 6.77 14.68
C ALA A 204 -10.22 6.01 15.60
N ALA A 205 -9.66 5.23 16.52
CA ALA A 205 -10.46 4.38 17.40
C ALA A 205 -11.23 5.26 18.33
N GLU A 206 -10.57 6.31 18.83
CA GLU A 206 -11.20 7.16 19.86
C GLU A 206 -12.30 7.95 19.26
N ASN A 207 -12.23 8.20 17.95
CA ASN A 207 -13.25 9.00 17.25
C ASN A 207 -14.21 8.20 16.36
N ASN A 208 -14.17 6.85 16.49
CA ASN A 208 -14.98 5.98 15.67
C ASN A 208 -14.86 6.31 14.16
N ARG A 209 -13.64 6.54 13.71
CA ARG A 209 -13.36 6.75 12.30
C ARG A 209 -12.83 5.39 11.85
N VAL A 210 -12.63 5.19 10.55
CA VAL A 210 -12.22 3.90 10.03
C VAL A 210 -10.70 3.88 9.79
N PHE A 211 -10.03 2.94 10.42
CA PHE A 211 -8.56 2.80 10.27
C PHE A 211 -8.29 1.51 9.49
N THR A 212 -7.44 1.61 8.48
CA THR A 212 -7.21 0.49 7.58
C THR A 212 -5.71 0.31 7.38
N LEU A 213 -5.32 -0.94 7.10
CA LEU A 213 -3.90 -1.34 7.13
C LEU A 213 -3.68 -2.49 6.21
N ASN A 214 -2.50 -2.56 5.59
CA ASN A 214 -2.13 -3.69 4.71
C ASN A 214 -1.12 -4.56 5.42
N LEU A 215 -1.24 -5.87 5.25
CA LEU A 215 -0.11 -6.79 5.63
C LEU A 215 1.19 -6.51 4.87
N SER A 216 1.09 -6.07 3.62
CA SER A 216 2.20 -5.59 2.77
C SER A 216 3.18 -6.54 2.15
N ALA A 217 3.81 -7.33 3.00
CA ALA A 217 4.85 -8.26 2.54
C ALA A 217 5.04 -9.32 3.57
N PRO A 218 5.46 -10.51 3.14
CA PRO A 218 5.73 -11.52 4.18
C PRO A 218 6.66 -11.08 5.26
N PHE A 219 7.71 -10.28 4.96
CA PHE A 219 8.68 -9.92 5.97
C PHE A 219 8.07 -9.12 7.11
N ILE A 220 6.92 -8.49 6.89
CA ILE A 220 6.30 -7.70 7.95
C ILE A 220 5.77 -8.68 9.00
N SER A 221 5.06 -9.73 8.60
CA SER A 221 4.60 -10.75 9.57
C SER A 221 5.72 -11.54 10.25
N GLN A 222 6.85 -11.66 9.56
CA GLN A 222 7.93 -12.48 10.05
C GLN A 222 8.85 -11.73 11.05
N PHE A 223 9.22 -10.49 10.71
CA PHE A 223 10.23 -9.76 11.41
C PHE A 223 9.68 -8.57 12.16
N PHE A 224 8.47 -8.11 11.85
CA PHE A 224 7.89 -6.93 12.49
C PHE A 224 6.54 -7.28 13.14
N LYS A 225 6.45 -8.49 13.68
CA LYS A 225 5.17 -9.00 14.12
C LYS A 225 4.73 -8.32 15.38
N GLU A 226 5.65 -7.88 16.20
CA GLU A 226 5.25 -7.20 17.45
C GLU A 226 4.57 -5.85 17.16
N ALA A 227 5.16 -5.08 16.25
CA ALA A 227 4.54 -3.85 15.84
C ALA A 227 3.19 -4.10 15.12
N LEU A 228 3.11 -5.12 14.27
CA LEU A 228 1.90 -5.45 13.58
C LEU A 228 0.79 -5.79 14.58
N MET A 229 1.11 -6.64 15.57
CA MET A 229 0.09 -7.08 16.52
C MET A 229 -0.25 -5.95 17.53
N ASP A 230 0.66 -4.97 17.73
CA ASP A 230 0.32 -3.80 18.51
C ASP A 230 -0.76 -2.95 17.80
N VAL A 231 -0.70 -2.86 16.46
CA VAL A 231 -1.65 -2.02 15.71
C VAL A 231 -2.91 -2.79 15.42
N MET A 232 -2.82 -4.11 15.29
CA MET A 232 -4.00 -4.90 14.88
C MET A 232 -5.33 -4.62 15.61
N PRO A 233 -5.32 -4.40 16.93
CA PRO A 233 -6.59 -4.09 17.59
C PRO A 233 -7.32 -2.82 17.12
N TYR A 234 -6.60 -1.91 16.47
CA TYR A 234 -7.15 -0.69 15.99
C TYR A 234 -7.59 -0.81 14.51
N VAL A 235 -7.40 -1.97 13.89
CA VAL A 235 -7.65 -2.13 12.46
C VAL A 235 -9.10 -2.49 12.14
N ASP A 236 -9.79 -1.57 11.46
CA ASP A 236 -11.16 -1.81 11.02
C ASP A 236 -11.25 -2.60 9.72
N ILE A 237 -10.27 -2.44 8.84
CA ILE A 237 -10.24 -3.19 7.57
C ILE A 237 -8.80 -3.58 7.37
N LEU A 238 -8.58 -4.89 7.22
CA LEU A 238 -7.19 -5.37 6.96
C LEU A 238 -7.16 -5.84 5.54
N PHE A 239 -6.13 -5.42 4.78
CA PHE A 239 -5.94 -5.82 3.41
C PHE A 239 -4.70 -6.64 3.30
N GLY A 240 -4.63 -7.44 2.27
CA GLY A 240 -3.40 -8.19 2.00
C GLY A 240 -3.61 -9.11 0.79
N ASN A 241 -2.56 -9.77 0.35
CA ASN A 241 -2.69 -10.82 -0.66
C ASN A 241 -2.60 -12.21 0.00
N GLU A 242 -2.79 -13.24 -0.81
CA GLU A 242 -2.87 -14.61 -0.36
C GLU A 242 -1.57 -15.12 0.36
N THR A 243 -0.43 -14.73 -0.18
CA THR A 243 0.89 -15.12 0.34
C THR A 243 1.16 -14.39 1.65
N GLU A 244 0.80 -13.11 1.68
CA GLU A 244 0.86 -12.36 2.92
C GLU A 244 -0.05 -12.97 4.00
N ALA A 245 -1.30 -13.29 3.62
CA ALA A 245 -2.24 -13.93 4.58
C ALA A 245 -1.70 -15.26 5.16
N ALA A 246 -1.19 -16.09 4.27
CA ALA A 246 -0.59 -17.38 4.65
C ALA A 246 0.57 -17.17 5.62
N THR A 247 1.40 -16.16 5.42
CA THR A 247 2.51 -15.85 6.31
C THR A 247 2.05 -15.34 7.69
N PHE A 248 1.11 -14.39 7.67
CA PHE A 248 0.50 -13.90 8.89
C PHE A 248 -0.08 -15.07 9.72
N ALA A 249 -0.80 -15.98 9.05
CA ALA A 249 -1.37 -17.17 9.71
C ALA A 249 -0.29 -18.02 10.34
N ARG A 250 0.74 -18.33 9.57
CA ARG A 250 1.83 -19.13 10.09
C ARG A 250 2.48 -18.49 11.33
N GLU A 251 2.72 -17.18 11.24
CA GLU A 251 3.44 -16.48 12.30
C GLU A 251 2.57 -16.23 13.55
N GLN A 252 1.24 -16.42 13.41
CA GLN A 252 0.34 -16.40 14.56
C GLN A 252 -0.06 -17.78 15.07
N GLY A 253 0.48 -18.85 14.50
CA GLY A 253 0.14 -20.19 14.86
C GLY A 253 -1.17 -20.68 14.35
N PHE A 254 -1.79 -19.96 13.40
CA PHE A 254 -3.06 -20.41 12.78
C PHE A 254 -2.67 -21.43 11.72
N GLU A 255 -3.15 -22.63 11.81
CA GLU A 255 -2.82 -23.62 10.80
C GLU A 255 -4.12 -23.88 10.10
N THR A 256 -4.15 -23.59 8.82
CA THR A 256 -5.30 -23.86 8.01
C THR A 256 -4.89 -23.92 6.55
N LYS A 257 -5.59 -24.75 5.79
CA LYS A 257 -5.36 -24.88 4.35
C LYS A 257 -6.46 -24.12 3.56
N ASP A 258 -7.00 -23.05 4.18
CA ASP A 258 -8.21 -22.37 3.72
C ASP A 258 -8.00 -20.84 3.96
N ILE A 259 -7.84 -20.10 2.89
CA ILE A 259 -7.69 -18.65 2.96
C ILE A 259 -8.94 -17.97 3.62
N LYS A 260 -10.12 -18.57 3.42
CA LYS A 260 -11.34 -18.03 4.03
C LYS A 260 -11.28 -18.08 5.57
N GLU A 261 -10.69 -19.15 6.09
CA GLU A 261 -10.51 -19.31 7.51
C GLU A 261 -9.47 -18.34 8.04
N ILE A 262 -8.41 -18.09 7.28
CA ILE A 262 -7.42 -17.10 7.71
C ILE A 262 -8.10 -15.74 7.85
N ALA A 263 -8.90 -15.37 6.84
CA ALA A 263 -9.58 -14.11 6.91
C ALA A 263 -10.55 -14.07 8.13
N LYS A 264 -11.23 -15.16 8.39
CA LYS A 264 -12.16 -15.20 9.58
C LYS A 264 -11.42 -15.08 10.88
N LYS A 265 -10.32 -15.78 10.96
CA LYS A 265 -9.51 -15.68 12.18
C LYS A 265 -8.93 -14.30 12.41
N ALA A 266 -8.49 -13.61 11.33
CA ALA A 266 -7.98 -12.28 11.44
C ALA A 266 -9.12 -11.35 11.81
N GLN A 267 -10.31 -11.67 11.27
CA GLN A 267 -11.49 -10.85 11.56
C GLN A 267 -11.77 -10.84 13.07
N ALA A 268 -11.63 -12.00 13.69
CA ALA A 268 -11.97 -12.20 15.10
C ALA A 268 -10.88 -11.83 16.12
N LEU A 269 -9.74 -11.32 15.69
CA LEU A 269 -8.70 -10.85 16.59
C LEU A 269 -9.21 -9.75 17.54
N PRO A 270 -8.59 -9.60 18.72
CA PRO A 270 -8.97 -8.54 19.67
C PRO A 270 -9.05 -7.20 19.02
N LYS A 271 -10.07 -6.47 19.36
CA LYS A 271 -10.40 -5.22 18.69
C LYS A 271 -10.79 -4.16 19.75
N VAL A 272 -10.21 -2.98 19.67
CA VAL A 272 -10.47 -1.97 20.70
C VAL A 272 -11.75 -1.18 20.48
N ASN A 273 -12.04 -0.85 19.22
CA ASN A 273 -13.27 -0.23 18.85
C ASN A 273 -14.31 -1.29 18.51
N SER A 274 -15.05 -1.68 19.54
CA SER A 274 -16.10 -2.69 19.41
CA SER A 274 -16.06 -2.72 19.36
C SER A 274 -17.29 -2.23 18.56
N LYS A 275 -17.43 -0.93 18.29
CA LYS A 275 -18.59 -0.41 17.54
C LYS A 275 -18.55 -0.69 16.05
N ARG A 276 -17.38 -1.09 15.55
CA ARG A 276 -17.23 -1.54 14.20
C ARG A 276 -16.62 -2.92 14.22
N GLN A 277 -17.18 -3.79 13.39
CA GLN A 277 -16.72 -5.13 13.21
C GLN A 277 -15.53 -4.96 12.23
N ARG A 278 -14.50 -5.74 12.41
CA ARG A 278 -13.42 -5.80 11.45
C ARG A 278 -13.86 -6.42 10.12
N THR A 279 -13.25 -5.95 9.03
CA THR A 279 -13.47 -6.53 7.70
C THR A 279 -12.08 -6.93 7.25
N VAL A 280 -11.96 -8.09 6.64
CA VAL A 280 -10.64 -8.59 6.24
C VAL A 280 -10.79 -8.95 4.74
N ILE A 281 -9.87 -8.48 3.91
CA ILE A 281 -10.01 -8.60 2.48
C ILE A 281 -8.63 -9.05 1.94
N PHE A 282 -8.57 -10.27 1.41
CA PHE A 282 -7.35 -10.84 0.78
C PHE A 282 -7.55 -11.03 -0.72
N THR A 283 -6.72 -10.35 -1.51
CA THR A 283 -6.72 -10.57 -2.96
C THR A 283 -5.87 -11.79 -3.25
N GLN A 284 -6.07 -12.38 -4.43
CA GLN A 284 -5.41 -13.65 -4.78
C GLN A 284 -5.05 -13.66 -6.29
N GLY A 285 -4.59 -12.48 -6.73
CA GLY A 285 -4.16 -12.27 -8.11
C GLY A 285 -5.32 -12.49 -9.05
N ARG A 286 -5.20 -13.40 -9.99
CA ARG A 286 -6.36 -13.75 -10.82
C ARG A 286 -7.47 -14.55 -10.13
N ASP A 287 -7.21 -15.15 -8.97
CA ASP A 287 -8.25 -15.90 -8.21
C ASP A 287 -9.09 -14.88 -7.35
N ASP A 288 -10.17 -15.38 -6.73
CA ASP A 288 -11.23 -14.56 -6.18
C ASP A 288 -10.70 -13.73 -5.00
N THR A 289 -11.26 -12.54 -4.84
CA THR A 289 -10.94 -11.74 -3.70
C THR A 289 -11.79 -12.29 -2.54
N ILE A 290 -11.14 -12.48 -1.40
CA ILE A 290 -11.81 -13.06 -0.24
C ILE A 290 -12.14 -11.96 0.79
N VAL A 291 -13.40 -11.88 1.23
CA VAL A 291 -13.83 -10.84 2.15
C VAL A 291 -14.56 -11.46 3.33
N ALA A 292 -13.98 -11.28 4.53
CA ALA A 292 -14.66 -11.65 5.76
C ALA A 292 -15.34 -10.38 6.26
N ALA A 293 -16.67 -10.41 6.32
CA ALA A 293 -17.51 -9.23 6.70
C ALA A 293 -18.97 -9.64 6.79
N GLU A 294 -19.72 -8.87 7.58
CA GLU A 294 -21.17 -9.00 7.60
C GLU A 294 -21.59 -10.42 7.98
N ASN A 295 -20.94 -10.98 9.02
CA ASN A 295 -21.21 -12.38 9.46
C ASN A 295 -21.01 -13.50 8.40
N ASP A 296 -20.23 -13.25 7.37
CA ASP A 296 -19.99 -14.24 6.32
C ASP A 296 -18.58 -14.01 5.74
N VAL A 297 -18.12 -14.97 4.97
CA VAL A 297 -16.93 -14.81 4.15
C VAL A 297 -17.40 -15.05 2.74
N THR A 298 -17.03 -14.17 1.83
CA THR A 298 -17.56 -14.13 0.47
C THR A 298 -16.40 -14.10 -0.48
N ALA A 299 -16.53 -14.81 -1.62
CA ALA A 299 -15.45 -14.70 -2.63
C ALA A 299 -16.00 -13.88 -3.77
N PHE A 300 -15.26 -12.89 -4.20
CA PHE A 300 -15.62 -12.02 -5.32
C PHE A 300 -14.68 -12.36 -6.48
N PRO A 301 -15.24 -12.93 -7.54
CA PRO A 301 -14.38 -13.24 -8.64
C PRO A 301 -13.74 -12.01 -9.30
N VAL A 302 -12.55 -12.21 -9.84
CA VAL A 302 -11.89 -11.24 -10.72
C VAL A 302 -12.38 -11.54 -12.15
N LEU A 303 -13.25 -10.68 -12.67
CA LEU A 303 -13.91 -10.91 -13.93
C LEU A 303 -12.96 -10.65 -15.07
N ASP A 304 -11.98 -9.75 -14.88
CA ASP A 304 -10.96 -9.42 -15.94
C ASP A 304 -9.93 -10.53 -15.99
N GLN A 305 -10.05 -11.43 -16.95
CA GLN A 305 -9.12 -12.54 -17.02
C GLN A 305 -8.25 -12.54 -18.30
N ASN A 306 -8.15 -11.44 -19.03
CA ASN A 306 -7.33 -11.43 -20.25
C ASN A 306 -5.85 -11.24 -19.96
N GLN A 307 -5.15 -12.35 -19.90
CA GLN A 307 -3.77 -12.34 -19.47
C GLN A 307 -2.86 -11.71 -20.53
N GLU A 308 -3.27 -11.76 -21.79
CA GLU A 308 -2.47 -11.24 -22.89
C GLU A 308 -2.27 -9.73 -22.85
N GLU A 309 -3.14 -8.99 -22.16
CA GLU A 309 -3.04 -7.55 -22.09
C GLU A 309 -2.21 -7.09 -20.88
N ILE A 310 -1.83 -8.00 -20.00
CA ILE A 310 -1.03 -7.64 -18.83
C ILE A 310 0.34 -7.15 -19.26
N ILE A 311 0.73 -6.02 -18.70
CA ILE A 311 2.04 -5.42 -18.97
C ILE A 311 2.93 -5.73 -17.72
N ASP A 312 2.41 -5.50 -16.54
CA ASP A 312 3.26 -5.47 -15.37
C ASP A 312 2.35 -5.44 -14.15
N THR A 313 2.49 -6.41 -13.25
CA THR A 313 1.54 -6.48 -12.13
C THR A 313 1.98 -5.67 -10.91
N ASN A 314 3.08 -4.97 -11.03
CA ASN A 314 3.56 -4.10 -9.96
C ASN A 314 2.50 -3.00 -9.67
N GLY A 315 2.06 -2.95 -8.43
CA GLY A 315 1.04 -1.99 -8.04
C GLY A 315 -0.39 -2.47 -8.05
N ALA A 316 -0.63 -3.73 -8.42
CA ALA A 316 -2.00 -4.22 -8.58
C ALA A 316 -2.74 -4.08 -7.23
N GLY A 317 -2.09 -4.57 -6.16
CA GLY A 317 -2.75 -4.56 -4.88
C GLY A 317 -2.92 -3.19 -4.26
N ASP A 318 -1.94 -2.30 -4.50
CA ASP A 318 -2.12 -0.90 -4.12
C ASP A 318 -3.26 -0.25 -4.87
N ALA A 319 -3.39 -0.55 -6.17
CA ALA A 319 -4.54 0.01 -6.88
C ALA A 319 -5.85 -0.57 -6.42
N PHE A 320 -5.84 -1.83 -6.05
CA PHE A 320 -7.08 -2.46 -5.51
C PHE A 320 -7.50 -1.68 -4.24
N VAL A 321 -6.55 -1.40 -3.37
CA VAL A 321 -6.84 -0.69 -2.12
C VAL A 321 -7.34 0.73 -2.42
N GLY A 322 -6.64 1.40 -3.33
CA GLY A 322 -7.08 2.77 -3.66
C GLY A 322 -8.50 2.82 -4.18
N GLY A 323 -8.81 1.87 -5.09
CA GLY A 323 -10.16 1.76 -5.63
C GLY A 323 -11.18 1.51 -4.53
N PHE A 324 -10.87 0.56 -3.67
CA PHE A 324 -11.71 0.26 -2.55
C PHE A 324 -11.93 1.51 -1.67
N LEU A 325 -10.83 2.20 -1.33
CA LEU A 325 -10.92 3.36 -0.43
C LEU A 325 -11.72 4.51 -1.05
N SER A 326 -11.64 4.67 -2.37
CA SER A 326 -12.40 5.75 -3.07
C SER A 326 -13.86 5.60 -2.86
N GLN A 327 -14.30 4.36 -2.79
CA GLN A 327 -15.71 4.08 -2.61
C GLN A 327 -16.10 4.10 -1.15
N LEU A 328 -15.26 3.57 -0.30
CA LEU A 328 -15.48 3.59 1.16
C LEU A 328 -15.72 4.98 1.70
N VAL A 329 -14.93 5.97 1.29
CA VAL A 329 -15.13 7.34 1.80
C VAL A 329 -16.44 7.94 1.38
N SER A 330 -17.07 7.44 0.31
CA SER A 330 -18.40 7.87 -0.06
C SER A 330 -19.51 6.93 0.39
N ASP A 331 -19.23 6.10 1.41
CA ASP A 331 -20.21 5.22 1.99
C ASP A 331 -20.89 4.29 0.95
N LYS A 332 -20.14 3.85 -0.06
CA LYS A 332 -20.65 2.87 -1.02
C LYS A 332 -20.76 1.47 -0.44
N PRO A 333 -21.59 0.60 -1.04
CA PRO A 333 -21.68 -0.77 -0.52
C PRO A 333 -20.43 -1.55 -0.84
N LEU A 334 -20.24 -2.58 -0.02
CA LEU A 334 -19.07 -3.45 -0.10
C LEU A 334 -18.86 -3.90 -1.56
N THR A 335 -19.92 -4.31 -2.20
CA THR A 335 -19.82 -4.87 -3.58
C THR A 335 -19.21 -3.87 -4.52
N GLU A 336 -19.62 -2.60 -4.36
CA GLU A 336 -19.10 -1.53 -5.22
C GLU A 336 -17.65 -1.17 -4.86
N CYS A 337 -17.33 -1.25 -3.56
CA CYS A 337 -15.92 -1.08 -3.10
C CYS A 337 -15.00 -2.11 -3.77
N ILE A 338 -15.42 -3.36 -3.77
CA ILE A 338 -14.65 -4.43 -4.38
C ILE A 338 -14.60 -4.18 -5.89
N ARG A 339 -15.73 -3.85 -6.48
CA ARG A 339 -15.76 -3.61 -7.92
C ARG A 339 -14.78 -2.51 -8.35
N ALA A 340 -14.71 -1.43 -7.58
CA ALA A 340 -13.80 -0.35 -7.91
C ALA A 340 -12.36 -0.77 -7.74
N GLY A 341 -12.09 -1.56 -6.69
CA GLY A 341 -10.72 -2.06 -6.47
C GLY A 341 -10.33 -3.01 -7.64
N HIS A 342 -11.23 -3.89 -8.05
CA HIS A 342 -10.93 -4.73 -9.25
C HIS A 342 -10.70 -3.88 -10.51
N TYR A 343 -11.53 -2.88 -10.71
CA TYR A 343 -11.37 -2.02 -11.87
C TYR A 343 -9.98 -1.32 -11.80
N ALA A 344 -9.64 -0.69 -10.70
CA ALA A 344 -8.37 0.05 -10.64
C ALA A 344 -7.18 -0.89 -10.85
N ALA A 345 -7.23 -2.09 -10.26
CA ALA A 345 -6.17 -3.05 -10.49
C ALA A 345 -6.07 -3.46 -11.96
N SER A 346 -7.22 -3.65 -12.61
CA SER A 346 -7.21 -4.02 -14.04
C SER A 346 -6.53 -2.95 -14.95
N VAL A 347 -6.67 -1.67 -14.58
CA VAL A 347 -6.01 -0.61 -15.30
C VAL A 347 -4.49 -0.62 -15.03
N ILE A 348 -4.12 -0.76 -13.76
CA ILE A 348 -2.75 -0.63 -13.34
C ILE A 348 -1.94 -1.79 -13.95
N ILE A 349 -2.51 -2.99 -14.10
CA ILE A 349 -1.69 -4.14 -14.57
C ILE A 349 -1.46 -4.13 -16.08
N ARG A 350 -2.14 -3.20 -16.73
CA ARG A 350 -1.94 -2.87 -18.10
C ARG A 350 -0.99 -1.74 -18.37
N ARG A 351 -0.26 -1.30 -17.37
CA ARG A 351 0.70 -0.24 -17.54
C ARG A 351 1.97 -0.49 -16.74
N THR A 352 3.01 0.29 -17.02
CA THR A 352 4.25 0.18 -16.28
C THR A 352 4.11 0.92 -14.99
N GLY A 353 4.41 0.24 -13.90
CA GLY A 353 4.30 0.83 -12.57
C GLY A 353 2.89 0.96 -12.05
N CYS A 354 2.74 1.67 -10.96
CA CYS A 354 1.43 1.93 -10.47
C CYS A 354 1.05 3.25 -11.09
N THR A 355 0.74 3.21 -12.37
CA THR A 355 0.35 4.38 -13.11
C THR A 355 -1.03 4.18 -13.70
N PHE A 356 -1.65 5.29 -14.12
CA PHE A 356 -3.00 5.29 -14.61
C PHE A 356 -3.18 6.44 -15.64
N PRO A 357 -4.21 6.33 -16.47
CA PRO A 357 -4.52 7.41 -17.40
C PRO A 357 -5.13 8.53 -16.61
N GLU A 358 -5.40 9.64 -17.27
CA GLU A 358 -5.80 10.82 -16.52
C GLU A 358 -7.14 10.65 -15.82
N LYS A 359 -8.03 9.84 -16.40
CA LYS A 359 -9.40 9.71 -15.93
C LYS A 359 -9.78 8.28 -15.79
N PRO A 360 -10.60 8.00 -14.78
CA PRO A 360 -11.20 6.68 -14.69
C PRO A 360 -12.46 6.54 -15.50
N ASP A 361 -12.81 5.29 -15.75
CA ASP A 361 -13.95 4.94 -16.51
C ASP A 361 -14.83 4.00 -15.70
N PHE A 362 -14.96 4.24 -14.41
CA PHE A 362 -15.73 3.35 -13.50
C PHE A 362 -17.12 3.96 -13.29
O5' ADN B . 2.95 -2.58 -4.54
C5' ADN B . 3.95 -2.09 -5.42
C4' ADN B . 4.61 -0.91 -4.74
O4' ADN B . 5.16 -1.36 -3.50
C3' ADN B . 5.73 -0.27 -5.53
O3' ADN B . 5.25 0.96 -6.11
C2' ADN B . 6.84 -0.09 -4.50
O2' ADN B . 7.35 1.24 -4.51
C1' ADN B . 6.16 -0.40 -3.19
N9 ADN B . 7.04 -0.92 -2.16
C8 ADN B . 7.91 -1.97 -2.25
N7 ADN B . 8.55 -2.14 -1.09
C5 ADN B . 8.11 -1.16 -0.26
C6 ADN B . 8.39 -0.75 1.11
N6 ADN B . 9.26 -1.42 1.88
N1 ADN B . 7.72 0.32 1.58
C2 ADN B . 6.82 0.98 0.85
N3 ADN B . 6.49 0.69 -0.40
C4 ADN B . 7.11 -0.38 -0.97
PB ADP C . -0.49 -7.68 -4.87
O1B ADP C . 0.44 -8.85 -4.75
O2B ADP C . -0.77 -7.03 -3.52
O3B ADP C . -0.15 -6.65 -5.93
PA ADP C . -2.61 -9.34 -6.18
O1A ADP C . -1.59 -10.02 -7.05
O2A ADP C . -3.45 -10.21 -5.31
O3A ADP C . -1.99 -8.20 -5.19
O5' ADP C . -3.42 -8.47 -7.18
C5' ADP C . -4.48 -7.62 -6.72
C4' ADP C . -5.57 -7.49 -7.77
O4' ADP C . -5.04 -7.20 -9.08
C3' ADP C . -6.40 -8.77 -8.00
O3' ADP C . -7.41 -8.95 -7.04
C2' ADP C . -6.95 -8.55 -9.37
O2' ADP C . -8.04 -7.63 -9.29
C1' ADP C . -5.76 -7.88 -10.09
N9 ADP C . -4.82 -8.85 -10.69
C8 ADP C . -3.55 -9.13 -10.28
N7 ADP C . -2.97 -10.08 -11.07
C5 ADP C . -3.90 -10.37 -12.00
C6 ADP C . -3.97 -11.29 -13.13
N6 ADP C . -2.87 -12.04 -13.42
N1 ADP C . -5.10 -11.33 -13.84
C2 ADP C . -6.18 -10.56 -13.59
N3 ADP C . -6.18 -9.70 -12.55
C4 ADP C . -5.10 -9.57 -11.76
K K D . 1.69 -2.00 -13.38
CL CL E . 4.09 2.69 2.39
MG MG F . 0.65 -5.74 -2.21
MG MG G . 0.39 -10.10 -8.22
O1 PG4 H . -4.89 21.87 -7.97
C1 PG4 H . -4.10 22.14 -9.14
C2 PG4 H . -3.62 20.84 -9.76
O2 PG4 H . -2.70 20.98 -10.84
C3 PG4 H . -1.95 19.82 -11.22
C4 PG4 H . -2.08 19.49 -12.73
O3 PG4 H . -3.40 19.08 -13.08
C5 PG4 H . -3.50 18.16 -14.17
C6 PG4 H . -4.97 17.94 -14.56
O4 PG4 H . -5.23 16.63 -15.10
C7 PG4 H . -5.58 15.66 -14.11
C8 PG4 H . -5.65 14.23 -14.59
O5 PG4 H . -5.50 13.38 -13.44
O1 PG4 I . -19.14 -18.28 9.01
C1 PG4 I . -19.00 -17.61 7.75
C2 PG4 I . -18.59 -18.56 6.63
O2 PG4 I . -17.19 -18.76 6.68
C3 PG4 I . -16.69 -19.53 5.59
C4 PG4 I . -15.26 -19.92 5.92
O3 PG4 I . -15.22 -20.75 7.07
C5 PG4 I . -13.92 -21.13 7.46
C6 PG4 I . -13.89 -22.13 8.61
O4 PG4 I . -14.37 -21.58 9.84
C7 PG4 I . -13.91 -22.25 11.01
C8 PG4 I . -14.96 -22.22 12.09
O5 PG4 I . -15.35 -20.87 12.38
P PO4 J . 4.32 21.78 3.17
O1 PO4 J . 5.81 21.66 3.20
O2 PO4 J . 3.68 20.82 4.13
O3 PO4 J . 3.82 21.45 1.77
O4 PO4 J . 3.87 23.18 3.52
P PO4 K . 3.82 8.94 -15.11
O1 PO4 K . 4.35 8.58 -16.49
O2 PO4 K . 3.63 10.43 -14.98
O3 PO4 K . 2.49 8.23 -14.97
O4 PO4 K . 4.86 8.47 -14.12
#